data_9CG1
#
_entry.id   9CG1
#
_cell.length_a   56.670
_cell.length_b   59.302
_cell.length_c   81.059
_cell.angle_alpha   90.00
_cell.angle_beta   109.82
_cell.angle_gamma   90.00
#
_symmetry.space_group_name_H-M   'P 1 21 1'
#
loop_
_entity.id
_entity.type
_entity.pdbx_description
1 polymer 'Radical SAM protein'
2 non-polymer GLYCEROL
3 non-polymer 'BORIC ACID'
4 non-polymer COBALAMIN
5 non-polymer 'IRON/SULFUR CLUSTER'
6 non-polymer IMIDAZOLE
7 non-polymer "S-5'-AZAMETHIONINE-5'-DEOXYADENOSINE"
8 water water
#
_entity_poly.entity_id   1
_entity_poly.type   'polypeptide(L)'
_entity_poly.pdbx_seq_one_letter_code
;MKKEILKVERGSIAEELEIEKGDFLLSINNKEVKDIIDYKFLVCDEYLEVEIEKSNGELWELEIEKDYDEDLGIEFKAAI
LDVPQRCHNNCLFCFIDQLPKGMRKTLYFKDDDSRLSFLQGNFLTLTNMKDEDIERIINYKISPINISVHTTNPELRVEL
LNNRFAGNIYERMKKLAEGGIKMNCQVVLCPGLNNAEELKRTIEDLYALYPQVENLAVVPIGVTKFREGLYRFELFNKET
ANKELDMVEEYQNKFIKEIGKPFVRLSDEFYVIAEREIPKEEFYDGFHQLEDGVGVIRIFRNNIKNNVKKLSTKVKGSFS
LITGQSAYKEILEASRIINNYNNDINIEVIKIDNNFFGKTITVAGLITANDIIEQTQEKNLGKYVIIPDVMLRKGYELAD
ISEQVFLDDVTLKELSKSLKREILVCDYTGEDLIDIINKHSRE
;
_entity_poly.pdbx_strand_id   A
#
# COMPACT_ATOMS: atom_id res chain seq x y z
N MET A 1 -29.17 -13.82 -8.77
CA MET A 1 -27.81 -13.24 -8.90
C MET A 1 -27.75 -11.71 -8.86
N LYS A 2 -28.90 -11.04 -8.77
CA LYS A 2 -28.91 -9.61 -8.50
C LYS A 2 -28.11 -9.32 -7.24
N LYS A 3 -27.41 -8.21 -7.22
CA LYS A 3 -26.40 -7.93 -6.21
C LYS A 3 -26.78 -6.65 -5.47
N GLU A 4 -27.16 -6.79 -4.19
CA GLU A 4 -27.53 -5.62 -3.40
C GLU A 4 -26.33 -4.71 -3.19
N ILE A 5 -26.51 -3.42 -3.40
CA ILE A 5 -25.43 -2.46 -3.26
C ILE A 5 -25.31 -2.02 -1.81
N LEU A 6 -24.11 -2.17 -1.25
CA LEU A 6 -23.84 -1.90 0.15
C LEU A 6 -23.13 -0.58 0.37
N LYS A 7 -22.37 -0.11 -0.61
CA LYS A 7 -21.60 1.11 -0.42
C LYS A 7 -21.34 1.74 -1.78
N VAL A 8 -21.42 3.06 -1.83
CA VAL A 8 -21.10 3.84 -3.02
C VAL A 8 -20.05 4.86 -2.60
N GLU A 9 -18.90 4.85 -3.28
CA GLU A 9 -17.77 5.67 -2.87
C GLU A 9 -18.00 7.14 -3.23
N ARG A 10 -17.68 8.03 -2.30
CA ARG A 10 -17.79 9.44 -2.59
C ARG A 10 -16.90 9.80 -3.78
N GLY A 11 -17.44 10.62 -4.69
CA GLY A 11 -16.73 11.07 -5.87
C GLY A 11 -16.76 10.10 -7.03
N SER A 12 -17.44 8.96 -6.88
CA SER A 12 -17.34 7.92 -7.88
C SER A 12 -18.32 8.15 -9.03
N ILE A 13 -18.11 7.35 -10.09
CA ILE A 13 -19.07 7.32 -11.19
C ILE A 13 -20.46 6.92 -10.68
N ALA A 14 -20.53 5.88 -9.86
CA ALA A 14 -21.84 5.42 -9.39
C ALA A 14 -22.56 6.53 -8.63
N GLU A 15 -21.81 7.27 -7.80
CA GLU A 15 -22.43 8.38 -7.08
C GLU A 15 -22.95 9.44 -8.06
N GLU A 16 -22.16 9.76 -9.10
CA GLU A 16 -22.60 10.74 -10.08
C GLU A 16 -23.92 10.36 -10.71
N LEU A 17 -24.13 9.06 -10.92
CA LEU A 17 -25.31 8.55 -11.60
C LEU A 17 -26.40 8.13 -10.61
N GLU A 18 -26.25 8.51 -9.34
CA GLU A 18 -27.32 8.36 -8.34
C GLU A 18 -27.63 6.91 -8.03
N ILE A 19 -26.63 6.05 -8.18
CA ILE A 19 -26.71 4.70 -7.61
C ILE A 19 -26.52 4.82 -6.11
N GLU A 20 -27.34 4.11 -5.33
CA GLU A 20 -27.36 4.29 -3.89
C GLU A 20 -27.32 2.94 -3.20
N LYS A 21 -26.84 2.97 -1.96
CA LYS A 21 -26.99 1.82 -1.07
C LYS A 21 -28.44 1.34 -1.08
N GLY A 22 -28.61 0.02 -1.20
CA GLY A 22 -29.92 -0.59 -1.27
C GLY A 22 -30.46 -0.77 -2.67
N ASP A 23 -29.89 -0.10 -3.66
CA ASP A 23 -30.16 -0.48 -5.04
C ASP A 23 -29.58 -1.87 -5.31
N PHE A 24 -29.95 -2.43 -6.45
CA PHE A 24 -29.45 -3.74 -6.88
C PHE A 24 -28.80 -3.64 -8.25
N LEU A 25 -27.61 -4.23 -8.35
CA LEU A 25 -26.93 -4.40 -9.63
C LEU A 25 -27.46 -5.65 -10.32
N LEU A 26 -28.02 -5.48 -11.52
CA LEU A 26 -28.65 -6.57 -12.26
C LEU A 26 -27.77 -7.13 -13.36
N SER A 27 -27.09 -6.28 -14.11
CA SER A 27 -26.28 -6.80 -15.20
C SER A 27 -25.33 -5.71 -15.68
N ILE A 28 -24.26 -6.15 -16.34
CA ILE A 28 -23.34 -5.25 -17.00
C ILE A 28 -23.16 -5.75 -18.41
N ASN A 29 -23.42 -4.90 -19.40
CA ASN A 29 -23.30 -5.28 -20.81
C ASN A 29 -24.02 -6.59 -21.09
N ASN A 30 -25.23 -6.68 -20.52
CA ASN A 30 -26.18 -7.76 -20.71
C ASN A 30 -25.72 -9.07 -20.11
N LYS A 31 -24.72 -9.04 -19.22
CA LYS A 31 -24.27 -10.22 -18.51
C LYS A 31 -24.60 -10.10 -17.02
N GLU A 32 -25.08 -11.20 -16.44
CA GLU A 32 -25.27 -11.25 -15.00
C GLU A 32 -23.91 -11.18 -14.30
N VAL A 33 -23.90 -10.61 -13.10
CA VAL A 33 -22.71 -10.53 -12.29
C VAL A 33 -22.83 -11.65 -11.26
N LYS A 34 -22.21 -12.81 -11.52
CA LYS A 34 -22.41 -13.94 -10.61
C LYS A 34 -21.65 -13.74 -9.30
N ASP A 35 -20.49 -13.10 -9.36
CA ASP A 35 -19.62 -12.95 -8.20
C ASP A 35 -18.58 -11.88 -8.53
N ILE A 36 -17.59 -11.75 -7.64
CA ILE A 36 -16.60 -10.68 -7.80
C ILE A 36 -15.69 -10.93 -8.99
N ILE A 37 -15.52 -12.19 -9.41
CA ILE A 37 -14.65 -12.46 -10.56
C ILE A 37 -15.31 -12.02 -11.85
N ASP A 38 -16.59 -12.35 -12.03
CA ASP A 38 -17.35 -11.81 -13.16
C ASP A 38 -17.30 -10.30 -13.15
N TYR A 39 -17.47 -9.69 -11.97
CA TYR A 39 -17.52 -8.23 -11.89
C TYR A 39 -16.21 -7.64 -12.38
N LYS A 40 -15.09 -8.17 -11.89
CA LYS A 40 -13.79 -7.62 -12.27
C LYS A 40 -13.57 -7.74 -13.77
N PHE A 41 -13.98 -8.85 -14.35
CA PHE A 41 -13.89 -8.99 -15.80
C PHE A 41 -14.81 -8.00 -16.52
N LEU A 42 -16.03 -7.85 -16.03
CA LEU A 42 -17.01 -7.07 -16.80
C LEU A 42 -16.68 -5.59 -16.76
N VAL A 43 -16.07 -5.12 -15.67
CA VAL A 43 -15.77 -3.68 -15.60
C VAL A 43 -14.46 -3.31 -16.25
N CYS A 44 -13.70 -4.29 -16.75
CA CYS A 44 -12.51 -4.01 -17.57
C CYS A 44 -12.96 -3.67 -18.97
N ASP A 45 -13.35 -2.40 -19.12
CA ASP A 45 -13.98 -1.98 -20.36
C ASP A 45 -14.09 -0.47 -20.29
N GLU A 46 -14.08 0.16 -21.46
CA GLU A 46 -14.32 1.60 -21.52
C GLU A 46 -15.80 1.96 -21.64
N TYR A 47 -16.67 0.99 -21.87
CA TYR A 47 -18.09 1.26 -22.01
C TYR A 47 -18.87 0.19 -21.28
N LEU A 48 -19.75 0.62 -20.36
CA LEU A 48 -20.62 -0.29 -19.64
C LEU A 48 -22.07 0.14 -19.82
N GLU A 49 -22.93 -0.79 -20.21
CA GLU A 49 -24.38 -0.62 -20.08
C GLU A 49 -24.78 -1.35 -18.81
N VAL A 50 -25.21 -0.62 -17.80
CA VAL A 50 -25.45 -1.20 -16.47
C VAL A 50 -26.94 -1.15 -16.17
N GLU A 51 -27.48 -2.27 -15.69
CA GLU A 51 -28.88 -2.32 -15.27
C GLU A 51 -28.96 -2.31 -13.75
N ILE A 52 -29.76 -1.39 -13.22
CA ILE A 52 -29.91 -1.17 -11.79
C ILE A 52 -31.40 -1.29 -11.49
N GLU A 53 -31.72 -2.02 -10.43
CA GLU A 53 -33.06 -1.95 -9.83
C GLU A 53 -32.95 -1.06 -8.62
N LYS A 54 -33.72 0.04 -8.61
CA LYS A 54 -33.68 0.92 -7.46
C LYS A 54 -34.38 0.25 -6.29
N SER A 55 -34.06 0.72 -5.07
CA SER A 55 -34.72 0.17 -3.87
C SER A 55 -36.24 0.30 -3.95
N ASN A 56 -36.75 1.30 -4.68
CA ASN A 56 -38.18 1.54 -4.79
C ASN A 56 -38.81 0.85 -5.99
N GLY A 57 -38.05 0.01 -6.71
CA GLY A 57 -38.59 -0.79 -7.80
C GLY A 57 -38.32 -0.26 -9.20
N GLU A 58 -37.99 1.02 -9.35
CA GLU A 58 -37.67 1.54 -10.68
C GLU A 58 -36.53 0.77 -11.31
N LEU A 59 -36.62 0.55 -12.63
CA LEU A 59 -35.55 -0.05 -13.41
C LEU A 59 -34.81 1.03 -14.19
N TRP A 60 -33.49 1.09 -14.03
CA TRP A 60 -32.64 2.06 -14.72
C TRP A 60 -31.68 1.33 -15.64
N GLU A 61 -31.48 1.89 -16.83
CA GLU A 61 -30.44 1.48 -17.75
C GLU A 61 -29.45 2.62 -17.89
N LEU A 62 -28.19 2.39 -17.50
CA LEU A 62 -27.17 3.43 -17.50
C LEU A 62 -26.15 3.18 -18.59
N GLU A 63 -25.83 4.20 -19.38
CA GLU A 63 -24.75 4.14 -20.35
C GLU A 63 -23.56 4.83 -19.73
N ILE A 64 -22.44 4.14 -19.60
CA ILE A 64 -21.30 4.64 -18.86
C ILE A 64 -20.03 4.55 -19.69
N GLU A 65 -19.47 5.71 -20.03
CA GLU A 65 -18.11 5.78 -20.56
C GLU A 65 -17.15 5.89 -19.40
N LYS A 66 -16.04 5.17 -19.46
CA LYS A 66 -15.03 5.29 -18.41
C LYS A 66 -13.67 4.85 -18.94
N ASP A 67 -12.63 5.13 -18.16
CA ASP A 67 -11.33 4.55 -18.44
C ASP A 67 -11.40 3.05 -18.16
N TYR A 68 -10.60 2.30 -18.92
CA TYR A 68 -10.58 0.84 -18.80
C TYR A 68 -10.38 0.39 -17.36
N ASP A 69 -9.46 1.02 -16.64
CA ASP A 69 -9.16 0.56 -15.30
C ASP A 69 -9.84 1.39 -14.23
N GLU A 70 -10.79 2.24 -14.62
CA GLU A 70 -11.50 3.08 -13.67
C GLU A 70 -12.55 2.24 -12.96
N ASP A 71 -12.61 2.35 -11.63
CA ASP A 71 -13.63 1.66 -10.85
C ASP A 71 -14.93 2.44 -10.89
N LEU A 72 -16.04 1.71 -10.73
CA LEU A 72 -17.38 2.31 -10.66
C LEU A 72 -17.66 2.95 -9.32
N GLY A 73 -17.08 2.40 -8.26
CA GLY A 73 -17.28 2.92 -6.92
C GLY A 73 -18.35 2.21 -6.12
N ILE A 74 -18.76 1.01 -6.52
CA ILE A 74 -19.76 0.27 -5.77
C ILE A 74 -19.14 -0.95 -5.12
N GLU A 75 -19.60 -1.25 -3.91
CA GLU A 75 -19.41 -2.55 -3.27
C GLU A 75 -20.78 -3.18 -3.13
N PHE A 76 -20.87 -4.50 -3.34
CA PHE A 76 -22.17 -5.14 -3.30
C PHE A 76 -22.04 -6.47 -2.56
N LYS A 77 -23.19 -7.00 -2.18
CA LYS A 77 -23.24 -8.20 -1.33
C LYS A 77 -22.65 -9.42 -2.01
N ALA A 78 -21.91 -10.23 -1.25
CA ALA A 78 -21.34 -11.45 -1.79
C ALA A 78 -22.42 -12.44 -2.21
N ALA A 79 -22.14 -13.18 -3.28
CA ALA A 79 -22.99 -14.28 -3.70
C ALA A 79 -22.81 -15.45 -2.75
N ILE A 80 -23.73 -16.40 -2.78
CA ILE A 80 -23.53 -17.58 -1.96
CA ILE A 80 -23.54 -17.60 -1.97
C ILE A 80 -22.26 -18.32 -2.37
N LEU A 81 -21.93 -18.30 -3.67
CA LEU A 81 -20.66 -18.82 -4.19
C LEU A 81 -19.85 -17.61 -4.67
N ASP A 82 -18.82 -17.26 -3.93
CA ASP A 82 -18.06 -16.05 -4.21
C ASP A 82 -16.69 -16.20 -3.56
N VAL A 83 -15.80 -15.28 -3.91
CA VAL A 83 -14.55 -15.11 -3.17
C VAL A 83 -14.88 -14.68 -1.75
N PRO A 84 -14.19 -15.18 -0.73
CA PRO A 84 -14.56 -14.85 0.65
C PRO A 84 -14.33 -13.40 0.99
N GLN A 85 -14.93 -12.98 2.11
CA GLN A 85 -14.77 -11.62 2.62
C GLN A 85 -13.59 -11.47 3.55
N ARG A 86 -12.82 -12.54 3.77
CA ARG A 86 -11.80 -12.56 4.79
C ARG A 86 -10.72 -13.52 4.31
N CYS A 87 -9.51 -13.34 4.83
CA CYS A 87 -8.47 -14.34 4.57
C CYS A 87 -8.80 -15.61 5.32
N HIS A 88 -8.15 -16.70 4.95
CA HIS A 88 -8.24 -17.95 5.69
C HIS A 88 -6.91 -18.32 6.34
N ASN A 89 -6.12 -17.32 6.73
CA ASN A 89 -4.79 -17.54 7.27
C ASN A 89 -4.72 -17.15 8.74
N ASN A 90 -3.58 -17.50 9.33
CA ASN A 90 -3.21 -17.02 10.68
C ASN A 90 -1.70 -16.81 10.66
N CYS A 91 -1.28 -15.83 9.87
CA CYS A 91 0.14 -15.64 9.60
C CYS A 91 0.89 -15.37 10.90
N LEU A 92 2.08 -15.98 11.02
CA LEU A 92 2.86 -15.83 12.24
C LEU A 92 3.15 -14.37 12.53
N PHE A 93 3.21 -13.55 11.48
CA PHE A 93 3.53 -12.14 11.61
C PHE A 93 2.33 -11.23 11.47
N CYS A 94 1.13 -11.78 11.32
CA CYS A 94 -0.06 -10.99 10.98
C CYS A 94 -0.07 -9.64 11.69
N PHE A 95 -0.12 -8.57 10.90
CA PHE A 95 -0.10 -7.24 11.49
C PHE A 95 -1.36 -6.98 12.34
N ILE A 96 -2.50 -7.57 11.98
CA ILE A 96 -3.71 -7.33 12.77
C ILE A 96 -3.52 -7.85 14.19
N ASP A 97 -2.89 -9.03 14.34
CA ASP A 97 -2.77 -9.67 15.65
C ASP A 97 -1.91 -8.86 16.61
N GLN A 98 -1.04 -8.00 16.09
CA GLN A 98 -0.16 -7.20 16.93
C GLN A 98 -0.65 -5.76 17.04
N LEU A 99 -1.89 -5.49 16.68
CA LEU A 99 -2.48 -4.23 17.06
C LEU A 99 -2.80 -4.24 18.55
N PRO A 100 -2.66 -3.11 19.22
CA PRO A 100 -3.22 -2.98 20.57
C PRO A 100 -4.73 -3.05 20.48
N LYS A 101 -5.36 -3.40 21.61
CA LYS A 101 -6.81 -3.46 21.64
C LYS A 101 -7.40 -2.07 21.80
N GLY A 102 -8.65 -1.91 21.36
CA GLY A 102 -9.40 -0.70 21.61
C GLY A 102 -9.38 0.34 20.51
N MET A 103 -8.74 0.06 19.37
CA MET A 103 -8.72 1.01 18.27
C MET A 103 -10.01 0.88 17.46
N ARG A 104 -10.16 1.70 16.42
CA ARG A 104 -11.42 1.66 15.67
C ARG A 104 -11.58 0.32 14.97
N LYS A 105 -12.83 -0.17 14.92
CA LYS A 105 -13.09 -1.57 14.56
C LYS A 105 -12.53 -1.94 13.20
N THR A 106 -12.60 -1.04 12.22
CA THR A 106 -12.21 -1.42 10.86
C THR A 106 -10.74 -1.81 10.75
N LEU A 107 -9.92 -1.39 11.71
CA LEU A 107 -8.51 -1.77 11.68
C LEU A 107 -8.30 -3.25 11.89
N TYR A 108 -9.25 -3.95 12.51
CA TYR A 108 -9.08 -5.35 12.85
C TYR A 108 -9.62 -6.29 11.79
N PHE A 109 -10.09 -5.76 10.67
CA PHE A 109 -10.74 -6.58 9.65
C PHE A 109 -9.67 -7.37 8.89
N LYS A 110 -9.82 -8.71 8.83
CA LYS A 110 -8.83 -9.52 8.09
C LYS A 110 -9.22 -9.61 6.62
N ASP A 111 -9.14 -8.44 5.97
CA ASP A 111 -9.70 -8.29 4.63
C ASP A 111 -8.66 -8.15 3.54
N ASP A 112 -7.37 -8.36 3.83
CA ASP A 112 -6.37 -8.19 2.78
C ASP A 112 -6.51 -9.23 1.66
N ASP A 113 -7.09 -10.41 1.93
CA ASP A 113 -7.44 -11.40 0.91
C ASP A 113 -8.92 -11.36 0.48
N SER A 114 -9.67 -10.34 0.86
CA SER A 114 -11.10 -10.34 0.61
C SER A 114 -11.42 -10.11 -0.87
N ARG A 115 -12.70 -10.33 -1.21
CA ARG A 115 -13.16 -10.01 -2.56
C ARG A 115 -12.89 -8.56 -2.92
N LEU A 116 -13.09 -7.61 -2.00
N LEU A 116 -13.06 -7.63 -1.98
CA LEU A 116 -12.78 -6.21 -2.34
CA LEU A 116 -12.82 -6.23 -2.32
C LEU A 116 -11.29 -6.02 -2.61
C LEU A 116 -11.33 -5.94 -2.52
N SER A 117 -10.44 -6.61 -1.77
CA SER A 117 -9.00 -6.53 -2.01
CA SER A 117 -9.00 -6.50 -2.02
C SER A 117 -8.61 -7.09 -3.37
N PHE A 118 -9.21 -8.22 -3.74
CA PHE A 118 -9.00 -8.78 -5.08
C PHE A 118 -9.40 -7.77 -6.16
N LEU A 119 -10.53 -7.11 -5.97
CA LEU A 119 -10.99 -6.14 -6.96
C LEU A 119 -10.01 -4.97 -7.06
N GLN A 120 -9.41 -4.57 -5.93
CA GLN A 120 -8.51 -3.42 -5.93
C GLN A 120 -7.12 -3.77 -6.41
N GLY A 121 -6.81 -5.05 -6.53
CA GLY A 121 -5.49 -5.49 -6.98
C GLY A 121 -4.42 -5.47 -5.92
N ASN A 122 -4.78 -5.60 -4.65
CA ASN A 122 -3.78 -5.71 -3.61
C ASN A 122 -3.06 -7.05 -3.68
N PHE A 123 -2.01 -7.18 -2.87
CA PHE A 123 -1.31 -8.45 -2.76
C PHE A 123 -2.19 -9.46 -2.01
N LEU A 124 -2.36 -10.63 -2.61
CA LEU A 124 -3.24 -11.70 -2.15
C LEU A 124 -2.43 -12.95 -1.85
N THR A 125 -2.77 -13.69 -0.78
CA THR A 125 -2.10 -14.97 -0.61
C THR A 125 -2.73 -16.07 -1.45
N LEU A 126 -3.96 -15.87 -1.90
CA LEU A 126 -4.74 -16.85 -2.66
C LEU A 126 -5.13 -18.10 -1.88
N THR A 127 -4.88 -18.19 -0.56
CA THR A 127 -5.21 -19.44 0.12
C THR A 127 -6.71 -19.64 0.25
N ASN A 128 -7.49 -18.57 0.14
CA ASN A 128 -8.94 -18.65 0.25
C ASN A 128 -9.62 -18.72 -1.11
N MET A 129 -8.86 -18.93 -2.18
CA MET A 129 -9.38 -19.01 -3.53
C MET A 129 -9.41 -20.48 -3.96
N LYS A 130 -10.47 -20.85 -4.66
CA LYS A 130 -10.55 -22.21 -5.18
C LYS A 130 -9.84 -22.30 -6.52
N ASP A 131 -9.47 -23.52 -6.89
CA ASP A 131 -8.85 -23.69 -8.21
C ASP A 131 -9.78 -23.18 -9.31
N GLU A 132 -11.09 -23.40 -9.16
CA GLU A 132 -12.01 -22.93 -10.18
C GLU A 132 -11.91 -21.42 -10.35
N ASP A 133 -11.73 -20.68 -9.25
CA ASP A 133 -11.50 -19.22 -9.32
C ASP A 133 -10.29 -18.92 -10.20
N ILE A 134 -9.19 -19.63 -9.99
CA ILE A 134 -7.97 -19.41 -10.78
C ILE A 134 -8.23 -19.70 -12.25
N GLU A 135 -8.94 -20.79 -12.54
CA GLU A 135 -9.24 -21.11 -13.93
C GLU A 135 -10.10 -20.02 -14.57
N ARG A 136 -11.04 -19.44 -13.83
CA ARG A 136 -11.87 -18.38 -14.40
C ARG A 136 -11.07 -17.09 -14.61
N ILE A 137 -10.17 -16.79 -13.67
CA ILE A 137 -9.25 -15.66 -13.84
C ILE A 137 -8.44 -15.83 -15.14
N ILE A 138 -7.93 -17.03 -15.39
CA ILE A 138 -7.18 -17.31 -16.61
C ILE A 138 -8.06 -17.12 -17.84
N ASN A 139 -9.27 -17.69 -17.81
CA ASN A 139 -10.15 -17.66 -18.98
C ASN A 139 -10.55 -16.23 -19.30
N TYR A 140 -10.73 -15.41 -18.27
CA TYR A 140 -11.11 -14.01 -18.42
C TYR A 140 -9.91 -13.11 -18.65
N LYS A 141 -8.70 -13.64 -18.53
CA LYS A 141 -7.47 -12.87 -18.68
C LYS A 141 -7.44 -11.69 -17.71
N ILE A 142 -7.91 -11.92 -16.50
CA ILE A 142 -7.82 -10.91 -15.45
C ILE A 142 -6.36 -10.81 -15.03
N SER A 143 -5.75 -9.64 -15.25
CA SER A 143 -4.30 -9.54 -15.11
C SER A 143 -3.98 -8.08 -14.83
N PRO A 144 -3.00 -7.81 -13.95
CA PRO A 144 -2.17 -8.76 -13.21
C PRO A 144 -2.82 -9.29 -11.95
N ILE A 145 -2.31 -10.39 -11.41
CA ILE A 145 -2.70 -10.93 -10.09
C ILE A 145 -1.49 -10.75 -9.20
N ASN A 146 -1.61 -9.94 -8.15
CA ASN A 146 -0.49 -9.65 -7.26
C ASN A 146 -0.53 -10.56 -6.05
N ILE A 147 0.60 -11.19 -5.75
CA ILE A 147 0.59 -12.37 -4.89
C ILE A 147 1.58 -12.17 -3.75
N SER A 148 1.09 -12.36 -2.52
CA SER A 148 1.93 -12.50 -1.33
C SER A 148 2.47 -13.91 -1.34
N VAL A 149 3.71 -14.06 -1.78
CA VAL A 149 4.30 -15.41 -1.91
C VAL A 149 4.96 -15.85 -0.61
N HIS A 150 5.89 -15.03 -0.09
CA HIS A 150 6.69 -15.30 1.12
C HIS A 150 7.72 -16.40 0.94
N THR A 151 7.33 -17.54 0.36
CA THR A 151 8.24 -18.63 0.05
C THR A 151 7.55 -19.59 -0.90
N THR A 152 8.29 -20.17 -1.83
CA THR A 152 7.75 -21.23 -2.68
C THR A 152 8.01 -22.62 -2.09
N ASN A 153 8.63 -22.69 -0.92
CA ASN A 153 8.82 -23.94 -0.17
C ASN A 153 7.46 -24.31 0.42
N PRO A 154 6.83 -25.41 0.00
CA PRO A 154 5.42 -25.63 0.38
C PRO A 154 5.21 -25.75 1.86
N GLU A 155 5.99 -26.64 2.52
CA GLU A 155 5.85 -26.84 3.96
C GLU A 155 6.14 -25.56 4.73
N LEU A 156 7.12 -24.79 4.28
CA LEU A 156 7.47 -23.54 4.95
C LEU A 156 6.35 -22.52 4.84
N ARG A 157 5.68 -22.48 3.68
CA ARG A 157 4.58 -21.53 3.54
C ARG A 157 3.40 -21.93 4.42
N VAL A 158 3.10 -23.23 4.51
CA VAL A 158 2.07 -23.69 5.45
C VAL A 158 2.38 -23.22 6.86
N GLU A 159 3.64 -23.32 7.26
CA GLU A 159 4.07 -22.90 8.59
C GLU A 159 3.95 -21.39 8.80
N LEU A 160 4.26 -20.59 7.76
CA LEU A 160 4.18 -19.14 7.90
C LEU A 160 2.74 -18.66 7.93
N LEU A 161 1.84 -19.29 7.16
CA LEU A 161 0.46 -18.81 7.05
C LEU A 161 -0.55 -19.61 7.87
N ASN A 162 -0.24 -20.84 8.27
CA ASN A 162 -1.18 -21.68 9.01
CA ASN A 162 -1.17 -21.69 9.00
C ASN A 162 -2.49 -21.86 8.25
N ASN A 163 -2.37 -22.27 6.98
CA ASN A 163 -3.51 -22.65 6.14
C ASN A 163 -3.03 -23.90 5.44
N ARG A 164 -3.86 -24.98 5.47
CA ARG A 164 -3.39 -26.26 4.97
C ARG A 164 -3.21 -26.27 3.46
N PHE A 165 -3.84 -25.35 2.73
CA PHE A 165 -3.65 -25.30 1.30
C PHE A 165 -2.47 -24.42 0.90
N ALA A 166 -1.76 -23.80 1.86
CA ALA A 166 -0.84 -22.71 1.47
C ALA A 166 0.38 -23.20 0.71
N GLY A 167 0.65 -24.51 0.73
CA GLY A 167 1.74 -25.02 -0.09
C GLY A 167 1.45 -25.03 -1.58
N ASN A 168 0.24 -24.71 -1.99
CA ASN A 168 -0.12 -24.78 -3.40
C ASN A 168 0.46 -23.62 -4.22
N ILE A 169 1.18 -22.66 -3.63
CA ILE A 169 1.29 -21.37 -4.33
C ILE A 169 2.10 -21.51 -5.60
N TYR A 170 3.18 -22.30 -5.58
CA TYR A 170 3.99 -22.31 -6.80
C TYR A 170 3.26 -23.02 -7.93
N GLU A 171 2.57 -24.14 -7.64
CA GLU A 171 1.79 -24.78 -8.70
C GLU A 171 0.73 -23.83 -9.23
N ARG A 172 0.12 -23.04 -8.35
CA ARG A 172 -0.89 -22.08 -8.77
CA ARG A 172 -0.89 -22.08 -8.78
C ARG A 172 -0.28 -20.99 -9.65
N MET A 173 0.89 -20.48 -9.26
CA MET A 173 1.57 -19.46 -10.07
C MET A 173 1.98 -20.03 -11.43
N LYS A 174 2.42 -21.29 -11.46
CA LYS A 174 2.73 -21.92 -12.75
C LYS A 174 1.51 -21.97 -13.64
N LYS A 175 0.36 -22.32 -13.06
CA LYS A 175 -0.89 -22.31 -13.80
C LYS A 175 -1.21 -20.92 -14.34
N LEU A 176 -1.10 -19.92 -13.49
CA LEU A 176 -1.37 -18.54 -13.92
C LEU A 176 -0.41 -18.13 -15.03
N ALA A 177 0.87 -18.45 -14.88
CA ALA A 177 1.84 -18.09 -15.90
C ALA A 177 1.53 -18.74 -17.23
N GLU A 178 1.19 -20.04 -17.19
CA GLU A 178 0.91 -20.76 -18.43
C GLU A 178 -0.35 -20.23 -19.10
N GLY A 179 -1.25 -19.64 -18.32
CA GLY A 179 -2.44 -18.97 -18.81
C GLY A 179 -2.22 -17.54 -19.26
N GLY A 180 -0.97 -17.09 -19.28
CA GLY A 180 -0.65 -15.73 -19.71
C GLY A 180 -0.96 -14.64 -18.71
N ILE A 181 -1.21 -14.97 -17.45
CA ILE A 181 -1.52 -13.95 -16.45
C ILE A 181 -0.22 -13.36 -15.90
N LYS A 182 -0.16 -12.03 -15.84
CA LYS A 182 0.99 -11.37 -15.22
C LYS A 182 0.82 -11.31 -13.71
N MET A 183 1.96 -11.38 -13.00
CA MET A 183 1.95 -11.40 -11.54
C MET A 183 3.06 -10.51 -11.00
N ASN A 184 2.75 -9.72 -9.99
CA ASN A 184 3.76 -9.04 -9.17
C ASN A 184 3.77 -9.72 -7.82
N CYS A 185 4.96 -9.94 -7.23
CA CYS A 185 5.07 -10.79 -6.07
C CYS A 185 5.70 -10.06 -4.90
N GLN A 186 5.34 -10.48 -3.69
CA GLN A 186 5.86 -9.90 -2.45
C GLN A 186 6.30 -11.02 -1.51
N VAL A 187 7.34 -10.73 -0.73
CA VAL A 187 7.83 -11.63 0.31
C VAL A 187 7.97 -10.77 1.57
N VAL A 188 7.32 -11.19 2.67
CA VAL A 188 7.61 -10.65 4.01
C VAL A 188 8.75 -11.48 4.58
N LEU A 189 9.91 -10.85 4.81
CA LEU A 189 11.14 -11.59 5.08
C LEU A 189 11.40 -11.64 6.58
N CYS A 190 11.50 -12.86 7.11
CA CYS A 190 11.65 -13.11 8.55
C CYS A 190 12.98 -13.80 8.78
N PRO A 191 13.95 -13.14 9.42
CA PRO A 191 15.28 -13.75 9.63
C PRO A 191 15.18 -15.10 10.31
N GLY A 192 15.85 -16.09 9.74
CA GLY A 192 15.89 -17.43 10.27
C GLY A 192 14.77 -18.34 9.82
N LEU A 193 13.78 -17.82 9.08
CA LEU A 193 12.67 -18.62 8.60
C LEU A 193 12.68 -18.71 7.09
N ASN A 194 12.57 -17.57 6.39
CA ASN A 194 12.40 -17.63 4.94
C ASN A 194 13.39 -16.73 4.22
N ASN A 195 14.47 -16.34 4.89
CA ASN A 195 15.54 -15.58 4.25
C ASN A 195 16.66 -16.54 3.87
N ALA A 196 17.81 -16.00 3.46
CA ALA A 196 19.03 -16.77 3.20
C ALA A 196 18.72 -17.81 2.12
N GLU A 197 19.12 -19.09 2.29
CA GLU A 197 18.92 -20.06 1.22
C GLU A 197 17.44 -20.24 0.87
N GLU A 198 16.53 -19.99 1.80
CA GLU A 198 15.11 -20.06 1.44
C GLU A 198 14.72 -18.93 0.49
N LEU A 199 15.22 -17.72 0.72
CA LEU A 199 14.91 -16.64 -0.23
C LEU A 199 15.59 -16.90 -1.58
N LYS A 200 16.79 -17.48 -1.58
CA LYS A 200 17.40 -17.84 -2.85
C LYS A 200 16.50 -18.78 -3.64
N ARG A 201 15.92 -19.78 -2.99
N ARG A 201 15.95 -19.79 -2.97
CA ARG A 201 15.07 -20.71 -3.74
CA ARG A 201 15.06 -20.72 -3.66
C ARG A 201 13.80 -20.02 -4.21
C ARG A 201 13.85 -19.99 -4.21
N THR A 202 13.25 -19.11 -3.40
CA THR A 202 12.08 -18.36 -3.84
C THR A 202 12.39 -17.48 -5.04
N ILE A 203 13.50 -16.75 -5.00
CA ILE A 203 13.90 -15.94 -6.14
C ILE A 203 14.05 -16.79 -7.40
N GLU A 204 14.76 -17.92 -7.28
CA GLU A 204 14.98 -18.76 -8.45
C GLU A 204 13.67 -19.30 -9.02
N ASP A 205 12.78 -19.75 -8.12
CA ASP A 205 11.50 -20.28 -8.59
C ASP A 205 10.67 -19.21 -9.29
N LEU A 206 10.68 -17.99 -8.75
CA LEU A 206 9.88 -16.93 -9.35
C LEU A 206 10.47 -16.48 -10.68
N TYR A 207 11.81 -16.40 -10.76
CA TYR A 207 12.42 -15.95 -12.01
C TYR A 207 12.19 -16.97 -13.12
N ALA A 208 12.08 -18.24 -12.76
CA ALA A 208 11.74 -19.24 -13.77
C ALA A 208 10.39 -18.98 -14.43
N LEU A 209 9.50 -18.19 -13.81
CA LEU A 209 8.22 -17.81 -14.39
C LEU A 209 8.26 -16.43 -15.05
N TYR A 210 9.41 -15.76 -15.08
CA TYR A 210 9.53 -14.52 -15.84
C TYR A 210 9.32 -14.85 -17.32
N PRO A 211 8.64 -13.99 -18.09
CA PRO A 211 8.14 -12.66 -17.79
C PRO A 211 6.71 -12.61 -17.27
N GLN A 212 6.06 -13.76 -17.00
CA GLN A 212 4.73 -13.67 -16.40
C GLN A 212 4.83 -13.18 -14.97
N VAL A 213 5.71 -13.77 -14.16
CA VAL A 213 6.10 -13.08 -12.92
C VAL A 213 7.03 -11.95 -13.30
N GLU A 214 6.60 -10.71 -13.07
CA GLU A 214 7.32 -9.56 -13.57
C GLU A 214 8.34 -9.01 -12.60
N ASN A 215 8.09 -9.11 -11.30
CA ASN A 215 9.05 -8.64 -10.33
CA ASN A 215 8.90 -8.46 -10.28
C ASN A 215 8.66 -9.15 -8.95
N LEU A 216 9.64 -9.05 -8.05
CA LEU A 216 9.51 -9.53 -6.68
C LEU A 216 9.98 -8.42 -5.75
N ALA A 217 9.12 -8.04 -4.81
CA ALA A 217 9.50 -7.08 -3.78
C ALA A 217 9.62 -7.82 -2.44
N VAL A 218 10.70 -7.55 -1.72
CA VAL A 218 10.99 -8.22 -0.45
C VAL A 218 10.99 -7.15 0.62
N VAL A 219 10.14 -7.32 1.64
CA VAL A 219 9.99 -6.31 2.69
C VAL A 219 10.36 -6.94 4.03
N PRO A 220 10.91 -6.20 4.99
CA PRO A 220 11.29 -6.81 6.27
C PRO A 220 10.11 -6.93 7.23
N ILE A 221 10.14 -8.01 8.02
CA ILE A 221 9.14 -8.16 9.09
C ILE A 221 9.17 -6.92 9.97
N GLY A 222 8.00 -6.40 10.30
CA GLY A 222 7.86 -5.28 11.22
C GLY A 222 6.99 -5.68 12.40
N VAL A 223 7.40 -5.25 13.60
CA VAL A 223 6.67 -5.62 14.81
C VAL A 223 6.30 -4.37 15.59
N THR A 224 5.18 -4.48 16.30
CA THR A 224 4.81 -3.55 17.35
C THR A 224 5.31 -4.07 18.69
N LYS A 225 5.09 -3.30 19.76
CA LYS A 225 5.34 -3.77 21.14
C LYS A 225 4.23 -4.65 21.68
N PHE A 226 3.25 -5.04 20.85
CA PHE A 226 2.13 -5.82 21.34
C PHE A 226 2.18 -7.24 20.80
N ARG A 227 3.26 -7.97 21.11
CA ARG A 227 3.39 -9.36 20.64
C ARG A 227 3.43 -10.38 21.77
N GLU A 228 2.91 -10.04 22.94
CA GLU A 228 2.89 -11.03 24.01
C GLU A 228 1.98 -12.20 23.63
N GLY A 229 2.51 -13.41 23.75
CA GLY A 229 1.80 -14.60 23.35
C GLY A 229 1.88 -14.93 21.87
N LEU A 230 2.51 -14.10 21.05
CA LEU A 230 2.61 -14.35 19.63
C LEU A 230 3.97 -14.93 19.31
N TYR A 231 4.14 -15.35 18.05
CA TYR A 231 5.43 -15.89 17.63
C TYR A 231 6.52 -14.85 17.84
N ARG A 232 7.67 -15.29 18.37
CA ARG A 232 8.76 -14.35 18.64
C ARG A 232 9.72 -14.30 17.46
N PHE A 233 9.82 -13.12 16.83
CA PHE A 233 10.67 -12.95 15.67
C PHE A 233 12.01 -12.33 16.04
N GLU A 234 13.04 -12.75 15.32
CA GLU A 234 14.26 -11.97 15.19
C GLU A 234 14.04 -10.89 14.13
N LEU A 235 14.49 -9.68 14.42
CA LEU A 235 14.36 -8.53 13.52
C LEU A 235 15.66 -8.31 12.79
N PHE A 236 15.57 -7.78 11.56
CA PHE A 236 16.77 -7.38 10.85
C PHE A 236 17.47 -6.26 11.60
N ASN A 237 18.79 -6.32 11.63
CA ASN A 237 19.59 -5.23 12.17
C ASN A 237 20.58 -4.83 11.08
N LYS A 238 21.48 -3.91 11.40
CA LYS A 238 22.37 -3.41 10.36
C LYS A 238 23.19 -4.55 9.75
N GLU A 239 23.69 -5.46 10.58
CA GLU A 239 24.52 -6.54 10.06
C GLU A 239 23.70 -7.45 9.16
N THR A 240 22.55 -7.92 9.65
CA THR A 240 21.81 -8.90 8.85
C THR A 240 21.10 -8.25 7.66
N ALA A 241 20.72 -6.96 7.74
CA ALA A 241 20.21 -6.28 6.54
C ALA A 241 21.29 -6.17 5.47
N ASN A 242 22.50 -5.78 5.85
CA ASN A 242 23.58 -5.72 4.85
C ASN A 242 23.85 -7.10 4.28
N LYS A 243 23.79 -8.15 5.11
CA LYS A 243 24.02 -9.50 4.60
C LYS A 243 22.96 -9.90 3.56
N GLU A 244 21.69 -9.62 3.87
CA GLU A 244 20.63 -9.98 2.95
C GLU A 244 20.74 -9.17 1.65
N LEU A 245 21.03 -7.87 1.78
CA LEU A 245 21.21 -7.04 0.58
C LEU A 245 22.33 -7.57 -0.28
N ASP A 246 23.45 -7.96 0.34
CA ASP A 246 24.57 -8.50 -0.44
C ASP A 246 24.18 -9.80 -1.12
N MET A 247 23.44 -10.65 -0.42
CA MET A 247 23.07 -11.93 -0.99
C MET A 247 22.19 -11.73 -2.21
N VAL A 248 21.21 -10.83 -2.09
CA VAL A 248 20.29 -10.63 -3.19
C VAL A 248 20.97 -9.92 -4.34
N GLU A 249 22.03 -9.15 -4.06
CA GLU A 249 22.73 -8.48 -5.15
C GLU A 249 23.32 -9.47 -6.15
N GLU A 250 23.68 -10.68 -5.71
CA GLU A 250 24.18 -11.67 -6.67
C GLU A 250 23.11 -11.97 -7.71
N TYR A 251 21.87 -12.06 -7.27
CA TYR A 251 20.79 -12.36 -8.20
C TYR A 251 20.47 -11.13 -9.04
N GLN A 252 20.47 -9.95 -8.43
CA GLN A 252 20.21 -8.74 -9.22
C GLN A 252 21.23 -8.57 -10.33
N ASN A 253 22.50 -8.86 -10.05
CA ASN A 253 23.52 -8.77 -11.09
C ASN A 253 23.23 -9.74 -12.23
N LYS A 254 22.85 -10.98 -11.90
CA LYS A 254 22.48 -11.96 -12.93
C LYS A 254 21.36 -11.44 -13.79
N PHE A 255 20.32 -10.92 -13.15
CA PHE A 255 19.15 -10.51 -13.89
C PHE A 255 19.41 -9.25 -14.70
N ILE A 256 20.20 -8.32 -14.16
CA ILE A 256 20.58 -7.15 -14.97
C ILE A 256 21.32 -7.60 -16.22
N LYS A 257 22.22 -8.58 -16.07
N LYS A 257 22.22 -8.58 -16.07
CA LYS A 257 22.95 -9.08 -17.25
CA LYS A 257 22.95 -9.10 -17.22
C LYS A 257 22.00 -9.75 -18.23
C LYS A 257 22.00 -9.76 -18.22
N GLU A 258 21.04 -10.53 -17.73
CA GLU A 258 20.16 -11.29 -18.63
C GLU A 258 19.09 -10.41 -19.26
N ILE A 259 18.33 -9.69 -18.43
CA ILE A 259 17.13 -8.97 -18.89
C ILE A 259 17.22 -7.47 -18.67
N GLY A 260 18.31 -6.97 -18.11
CA GLY A 260 18.48 -5.53 -17.99
C GLY A 260 17.72 -4.88 -16.86
N LYS A 261 17.19 -5.67 -15.94
CA LYS A 261 16.38 -5.20 -14.80
C LYS A 261 16.76 -6.05 -13.60
N PRO A 262 16.62 -5.51 -12.39
CA PRO A 262 17.02 -6.29 -11.20
C PRO A 262 16.07 -7.42 -10.83
N PHE A 263 14.78 -7.34 -11.23
CA PHE A 263 13.73 -8.35 -11.01
C PHE A 263 13.28 -8.44 -9.56
N VAL A 264 14.24 -8.69 -8.66
CA VAL A 264 13.95 -8.70 -7.22
C VAL A 264 14.50 -7.41 -6.63
N ARG A 265 13.71 -6.78 -5.75
CA ARG A 265 14.18 -5.59 -5.04
C ARG A 265 13.84 -5.74 -3.57
N LEU A 266 14.77 -5.32 -2.71
CA LEU A 266 14.48 -5.17 -1.29
C LEU A 266 13.95 -3.75 -1.04
N SER A 267 12.98 -3.65 -0.13
CA SER A 267 12.30 -2.38 0.07
C SER A 267 13.19 -1.39 0.82
N ASP A 268 12.74 -0.14 0.82
CA ASP A 268 13.56 0.96 1.34
C ASP A 268 13.94 0.76 2.79
N GLU A 269 13.08 0.15 3.58
CA GLU A 269 13.40 -0.08 4.99
C GLU A 269 14.69 -0.90 5.15
N PHE A 270 14.96 -1.83 4.23
CA PHE A 270 16.21 -2.57 4.32
C PHE A 270 17.41 -1.65 4.20
N TYR A 271 17.33 -0.67 3.28
CA TYR A 271 18.45 0.25 3.09
C TYR A 271 18.60 1.17 4.29
N VAL A 272 17.48 1.57 4.89
CA VAL A 272 17.55 2.40 6.10
C VAL A 272 18.23 1.63 7.25
N ILE A 273 17.78 0.39 7.52
CA ILE A 273 18.37 -0.43 8.57
C ILE A 273 19.86 -0.67 8.29
N ALA A 274 20.20 -0.96 7.02
CA ALA A 274 21.56 -1.31 6.64
C ALA A 274 22.48 -0.09 6.54
N GLU A 275 21.91 1.12 6.54
CA GLU A 275 22.64 2.37 6.31
C GLU A 275 23.36 2.29 4.96
N ARG A 276 22.66 1.78 3.97
CA ARG A 276 23.18 1.55 2.63
C ARG A 276 22.63 2.61 1.69
N GLU A 277 23.48 3.07 0.78
CA GLU A 277 23.05 4.08 -0.17
C GLU A 277 21.85 3.61 -1.00
N ILE A 278 20.92 4.52 -1.20
CA ILE A 278 19.70 4.21 -1.95
C ILE A 278 20.05 4.06 -3.43
N PRO A 279 19.55 3.04 -4.14
CA PRO A 279 19.84 2.90 -5.57
C PRO A 279 19.40 4.12 -6.37
N LYS A 280 20.01 4.30 -7.53
CA LYS A 280 19.65 5.36 -8.47
C LYS A 280 18.28 5.09 -9.10
N GLU A 281 17.71 6.12 -9.72
CA GLU A 281 16.33 6.01 -10.20
C GLU A 281 16.12 4.88 -11.20
N GLU A 282 17.12 4.60 -12.06
CA GLU A 282 16.99 3.54 -13.06
C GLU A 282 16.65 2.18 -12.42
N PHE A 283 17.21 1.92 -11.24
CA PHE A 283 16.93 0.66 -10.53
C PHE A 283 15.43 0.44 -10.30
N TYR A 284 14.67 1.52 -10.17
CA TYR A 284 13.26 1.44 -9.81
C TYR A 284 12.31 1.45 -11.01
N ASP A 285 12.83 1.62 -12.24
CA ASP A 285 12.10 1.30 -13.47
C ASP A 285 10.68 1.89 -13.48
N GLY A 286 10.59 3.19 -13.25
CA GLY A 286 9.30 3.85 -13.37
C GLY A 286 8.54 4.00 -12.07
N PHE A 287 9.06 3.48 -10.97
CA PHE A 287 8.51 3.70 -9.62
C PHE A 287 7.07 3.22 -9.48
N HIS A 288 6.86 1.94 -9.78
CA HIS A 288 5.52 1.36 -9.73
C HIS A 288 5.23 0.62 -8.45
N GLN A 289 6.15 0.67 -7.49
CA GLN A 289 5.96 -0.05 -6.23
C GLN A 289 6.00 0.90 -5.03
N LEU A 290 5.71 2.18 -5.25
CA LEU A 290 5.81 3.15 -4.15
C LEU A 290 4.88 2.81 -2.99
N GLU A 291 3.67 2.33 -3.29
CA GLU A 291 2.75 2.07 -2.17
C GLU A 291 3.14 0.84 -1.38
N ASP A 292 4.12 0.08 -1.84
CA ASP A 292 4.68 -1.04 -1.11
C ASP A 292 6.01 -0.72 -0.43
N GLY A 293 6.40 0.57 -0.35
CA GLY A 293 7.63 0.95 0.32
C GLY A 293 8.89 0.75 -0.49
N VAL A 294 8.77 0.67 -1.81
CA VAL A 294 9.92 0.46 -2.68
C VAL A 294 10.06 1.70 -3.55
N GLY A 295 11.22 2.36 -3.46
CA GLY A 295 11.52 3.51 -4.27
C GLY A 295 11.01 4.83 -3.74
N VAL A 296 10.46 4.86 -2.53
CA VAL A 296 9.88 6.10 -2.03
CA VAL A 296 9.88 6.10 -2.04
C VAL A 296 10.96 7.11 -1.64
N ILE A 297 12.07 6.64 -1.08
CA ILE A 297 13.14 7.58 -0.75
C ILE A 297 13.70 8.19 -2.02
N ARG A 298 13.94 7.37 -3.05
CA ARG A 298 14.56 7.90 -4.25
C ARG A 298 13.60 8.85 -4.98
N ILE A 299 12.29 8.51 -5.05
CA ILE A 299 11.42 9.44 -5.77
C ILE A 299 11.27 10.73 -4.97
N PHE A 300 11.27 10.64 -3.63
CA PHE A 300 11.23 11.85 -2.80
C PHE A 300 12.44 12.72 -3.07
N ARG A 301 13.64 12.14 -3.05
CA ARG A 301 14.83 12.94 -3.36
C ARG A 301 14.72 13.57 -4.74
N ASN A 302 14.28 12.79 -5.75
CA ASN A 302 14.07 13.31 -7.10
C ASN A 302 13.11 14.48 -7.11
N ASN A 303 11.97 14.32 -6.41
CA ASN A 303 10.97 15.38 -6.46
C ASN A 303 11.47 16.66 -5.83
N ILE A 304 12.24 16.56 -4.75
CA ILE A 304 12.79 17.77 -4.13
C ILE A 304 13.82 18.40 -5.06
N LYS A 305 14.72 17.58 -5.59
CA LYS A 305 15.76 18.07 -6.49
C LYS A 305 15.16 18.76 -7.71
N ASN A 306 14.09 18.18 -8.26
CA ASN A 306 13.47 18.72 -9.46
C ASN A 306 12.68 19.99 -9.17
N ASN A 307 12.07 20.09 -8.00
CA ASN A 307 11.11 21.16 -7.78
C ASN A 307 11.67 22.31 -7.00
N VAL A 308 12.84 22.16 -6.39
CA VAL A 308 13.33 23.27 -5.56
C VAL A 308 13.66 24.50 -6.42
N LYS A 309 14.03 24.29 -7.70
CA LYS A 309 14.24 25.41 -8.61
C LYS A 309 12.96 26.20 -8.88
N LYS A 310 11.80 25.71 -8.44
CA LYS A 310 10.54 26.42 -8.56
C LYS A 310 10.14 27.15 -7.28
N LEU A 311 10.95 27.02 -6.23
CA LEU A 311 10.71 27.77 -5.01
C LEU A 311 10.95 29.25 -5.27
N SER A 312 9.99 30.09 -4.91
CA SER A 312 10.20 31.52 -5.03
C SER A 312 11.33 31.96 -4.10
N THR A 313 12.22 32.80 -4.62
CA THR A 313 13.32 33.31 -3.81
C THR A 313 12.98 34.65 -3.16
N LYS A 314 11.75 35.13 -3.34
CA LYS A 314 11.33 36.42 -2.85
C LYS A 314 10.47 36.35 -1.60
N VAL A 315 10.03 35.16 -1.22
CA VAL A 315 9.08 34.98 -0.18
C VAL A 315 9.78 34.57 1.12
N LYS A 316 9.05 34.65 2.21
CA LYS A 316 9.50 34.22 3.53
C LYS A 316 8.42 33.35 4.14
N GLY A 317 8.82 32.34 4.91
CA GLY A 317 7.83 31.46 5.51
C GLY A 317 8.42 30.74 6.69
N SER A 318 7.54 30.12 7.50
CA SER A 318 8.02 29.26 8.56
C SER A 318 7.16 28.01 8.67
N PHE A 319 7.83 26.87 8.78
CA PHE A 319 7.21 25.56 8.62
C PHE A 319 7.82 24.59 9.62
N SER A 320 6.99 23.69 10.15
CA SER A 320 7.46 22.55 10.92
C SER A 320 6.98 21.30 10.20
N LEU A 321 7.91 20.47 9.76
CA LEU A 321 7.60 19.22 9.08
C LEU A 321 7.60 18.05 10.07
N ILE A 322 6.55 17.22 10.05
CA ILE A 322 6.40 16.10 10.98
C ILE A 322 6.71 14.80 10.24
N THR A 323 7.56 13.96 10.83
CA THR A 323 7.86 12.67 10.20
C THR A 323 8.19 11.63 11.27
N GLY A 324 8.51 10.40 10.83
CA GLY A 324 8.88 9.33 11.72
C GLY A 324 10.37 9.02 11.68
N GLN A 325 10.75 7.92 12.34
CA GLN A 325 12.16 7.58 12.50
C GLN A 325 12.83 7.23 11.17
N SER A 326 12.18 6.38 10.35
CA SER A 326 12.81 5.91 9.14
C SER A 326 13.07 7.03 8.13
N ALA A 327 12.22 8.06 8.12
CA ALA A 327 12.32 9.11 7.10
C ALA A 327 13.07 10.34 7.56
N TYR A 328 13.36 10.46 8.86
CA TYR A 328 13.82 11.73 9.40
C TYR A 328 15.03 12.27 8.65
N LYS A 329 16.04 11.41 8.42
CA LYS A 329 17.25 11.90 7.76
C LYS A 329 16.94 12.46 6.37
N GLU A 330 16.03 11.80 5.63
CA GLU A 330 15.65 12.28 4.29
C GLU A 330 14.88 13.59 4.36
N ILE A 331 13.97 13.72 5.33
CA ILE A 331 13.19 14.94 5.39
C ILE A 331 14.07 16.10 5.85
N LEU A 332 14.98 15.82 6.80
CA LEU A 332 15.94 16.83 7.22
C LEU A 332 16.79 17.33 6.04
N GLU A 333 17.26 16.41 5.20
CA GLU A 333 18.08 16.85 4.09
C GLU A 333 17.27 17.68 3.08
N ALA A 334 16.02 17.29 2.84
CA ALA A 334 15.16 18.10 1.97
C ALA A 334 14.97 19.50 2.56
N SER A 335 14.76 19.60 3.87
CA SER A 335 14.60 20.92 4.47
C SER A 335 15.88 21.77 4.31
N ARG A 336 17.07 21.15 4.38
CA ARG A 336 18.30 21.89 4.20
C ARG A 336 18.47 22.36 2.76
N ILE A 337 18.10 21.51 1.79
CA ILE A 337 18.11 21.92 0.38
C ILE A 337 17.20 23.11 0.16
N ILE A 338 16.00 23.06 0.73
CA ILE A 338 15.05 24.16 0.55
C ILE A 338 15.59 25.45 1.17
N ASN A 339 16.05 25.35 2.43
CA ASN A 339 16.58 26.54 3.10
C ASN A 339 17.84 27.06 2.45
N ASN A 340 18.67 26.19 1.84
CA ASN A 340 19.83 26.69 1.09
C ASN A 340 19.40 27.50 -0.12
N TYR A 341 18.32 27.09 -0.76
CA TYR A 341 17.84 27.78 -1.94
C TYR A 341 17.20 29.13 -1.57
N ASN A 342 16.47 29.17 -0.45
CA ASN A 342 15.87 30.42 0.06
C ASN A 342 15.94 30.35 1.59
N ASN A 343 16.90 31.08 2.18
CA ASN A 343 17.06 30.91 3.63
C ASN A 343 16.03 31.69 4.42
N ASP A 344 15.12 32.40 3.75
CA ASP A 344 13.96 32.97 4.39
C ASP A 344 12.82 31.97 4.55
N ILE A 345 13.00 30.74 4.09
CA ILE A 345 12.07 29.66 4.38
C ILE A 345 12.62 28.97 5.62
N ASN A 346 12.06 29.28 6.78
CA ASN A 346 12.52 28.71 8.04
C ASN A 346 11.79 27.39 8.25
N ILE A 347 12.52 26.27 8.22
CA ILE A 347 11.93 24.93 8.24
C ILE A 347 12.60 24.12 9.34
N GLU A 348 11.81 23.55 10.22
CA GLU A 348 12.35 22.54 11.11
C GLU A 348 11.65 21.22 10.83
N VAL A 349 12.41 20.15 11.01
CA VAL A 349 11.87 18.80 10.88
C VAL A 349 11.82 18.18 12.26
N ILE A 350 10.66 17.62 12.61
CA ILE A 350 10.44 17.04 13.93
C ILE A 350 10.22 15.55 13.76
N LYS A 351 11.16 14.75 14.28
CA LYS A 351 11.00 13.31 14.31
C LYS A 351 10.09 12.91 15.46
N ILE A 352 9.09 12.08 15.17
CA ILE A 352 8.17 11.55 16.18
C ILE A 352 8.50 10.08 16.39
N ASP A 353 8.89 9.72 17.62
CA ASP A 353 9.02 8.32 17.99
C ASP A 353 7.65 7.69 18.12
N ASN A 354 7.53 6.44 17.67
CA ASN A 354 6.22 5.80 17.72
C ASN A 354 6.02 5.09 19.07
N ASN A 355 5.74 5.91 20.09
CA ASN A 355 5.40 5.33 21.39
C ASN A 355 4.06 4.61 21.38
N PHE A 356 3.15 4.99 20.49
CA PHE A 356 1.84 4.35 20.47
C PHE A 356 1.94 2.87 20.08
N PHE A 357 2.62 2.57 18.96
CA PHE A 357 2.77 1.20 18.50
C PHE A 357 4.03 0.52 19.01
N GLY A 358 4.96 1.28 19.60
CA GLY A 358 6.28 0.76 19.90
C GLY A 358 7.32 1.25 18.91
N LYS A 359 8.52 1.57 19.40
CA LYS A 359 9.47 2.24 18.52
C LYS A 359 10.11 1.30 17.49
N THR A 360 9.81 -0.01 17.53
CA THR A 360 10.13 -0.88 16.40
C THR A 360 9.33 -0.50 15.16
N ILE A 361 8.22 0.23 15.32
CA ILE A 361 7.50 0.79 14.19
C ILE A 361 8.12 2.14 13.88
N THR A 362 8.48 2.37 12.61
CA THR A 362 9.28 3.55 12.28
C THR A 362 8.80 4.31 11.06
N VAL A 363 7.86 3.80 10.28
CA VAL A 363 7.51 4.49 9.04
C VAL A 363 6.55 5.64 9.33
N ALA A 364 6.56 6.66 8.45
CA ALA A 364 5.90 7.93 8.79
C ALA A 364 4.39 7.80 8.85
N GLY A 365 3.79 6.93 8.03
CA GLY A 365 2.34 6.84 8.01
C GLY A 365 1.71 6.23 9.25
N LEU A 366 2.51 5.66 10.15
CA LEU A 366 1.97 5.07 11.36
C LEU A 366 2.08 5.98 12.58
N ILE A 367 2.49 7.23 12.38
CA ILE A 367 2.49 8.21 13.46
C ILE A 367 1.05 8.57 13.82
N THR A 368 0.74 8.61 15.11
CA THR A 368 -0.59 8.95 15.64
C THR A 368 -0.61 10.40 16.13
N ALA A 369 -1.81 10.99 16.18
CA ALA A 369 -1.92 12.38 16.63
C ALA A 369 -1.47 12.52 18.07
N ASN A 370 -1.80 11.54 18.91
CA ASN A 370 -1.41 11.58 20.32
C ASN A 370 0.09 11.74 20.46
N ASP A 371 0.86 11.02 19.64
CA ASP A 371 2.32 11.13 19.76
C ASP A 371 2.82 12.48 19.23
N ILE A 372 2.21 13.01 18.16
CA ILE A 372 2.59 14.35 17.68
C ILE A 372 2.36 15.37 18.78
N ILE A 373 1.17 15.35 19.40
CA ILE A 373 0.89 16.34 20.44
C ILE A 373 1.89 16.20 21.57
N GLU A 374 2.13 14.97 22.03
CA GLU A 374 2.97 14.81 23.21
C GLU A 374 4.41 15.25 22.94
N GLN A 375 4.91 14.97 21.73
CA GLN A 375 6.31 15.22 21.43
C GLN A 375 6.56 16.59 20.81
N THR A 376 5.54 17.43 20.69
CA THR A 376 5.76 18.81 20.28
C THR A 376 5.39 19.78 21.38
N GLN A 377 5.11 19.28 22.59
CA GLN A 377 4.70 20.15 23.71
C GLN A 377 5.74 21.20 24.02
N GLU A 378 7.01 20.85 23.90
CA GLU A 378 8.09 21.77 24.24
C GLU A 378 8.82 22.26 22.99
N LYS A 379 8.07 22.38 21.89
CA LYS A 379 8.62 22.90 20.65
C LYS A 379 7.92 24.21 20.30
N ASN A 380 8.63 25.06 19.56
CA ASN A 380 8.05 26.29 19.04
C ASN A 380 7.74 26.05 17.56
N LEU A 381 6.51 25.61 17.29
CA LEU A 381 6.16 25.24 15.92
C LEU A 381 6.13 26.45 15.01
N GLY A 382 6.54 26.23 13.76
CA GLY A 382 6.41 27.25 12.74
C GLY A 382 4.96 27.56 12.47
N LYS A 383 4.74 28.59 11.65
CA LYS A 383 3.37 29.03 11.39
C LYS A 383 2.52 27.90 10.83
N TYR A 384 3.08 27.10 9.93
CA TYR A 384 2.37 25.98 9.32
C TYR A 384 3.04 24.67 9.72
N VAL A 385 2.23 23.70 10.09
CA VAL A 385 2.67 22.34 10.32
C VAL A 385 2.34 21.53 9.07
N ILE A 386 3.31 20.80 8.53
CA ILE A 386 3.08 19.98 7.34
C ILE A 386 3.23 18.52 7.72
N ILE A 387 2.23 17.71 7.39
CA ILE A 387 2.32 16.26 7.58
C ILE A 387 2.18 15.60 6.21
N PRO A 388 2.73 14.40 6.03
CA PRO A 388 2.50 13.64 4.80
C PRO A 388 1.15 12.94 4.82
N ASP A 389 0.57 12.76 3.63
CA ASP A 389 -0.80 12.23 3.56
C ASP A 389 -0.90 10.78 4.05
N VAL A 390 0.22 10.07 4.15
CA VAL A 390 0.19 8.71 4.67
C VAL A 390 -0.17 8.63 6.16
N MET A 391 -0.16 9.73 6.90
CA MET A 391 -0.59 9.72 8.28
C MET A 391 -2.10 9.80 8.43
N LEU A 392 -2.83 9.99 7.34
CA LEU A 392 -4.29 10.02 7.40
C LEU A 392 -4.87 8.81 6.68
N ARG A 393 -6.06 8.41 7.09
CA ARG A 393 -6.74 7.33 6.39
C ARG A 393 -7.02 7.74 4.93
N LYS A 394 -6.95 6.75 4.02
CA LYS A 394 -7.22 7.00 2.61
C LYS A 394 -8.56 7.70 2.42
N GLY A 395 -8.60 8.63 1.47
CA GLY A 395 -9.82 9.36 1.16
C GLY A 395 -9.96 10.71 1.84
N TYR A 396 -8.90 11.20 2.50
CA TYR A 396 -9.04 12.39 3.34
C TYR A 396 -9.42 13.61 2.51
N GLU A 397 -8.90 13.70 1.27
CA GLU A 397 -9.09 14.91 0.45
C GLU A 397 -10.57 15.23 0.27
N LEU A 398 -11.35 14.22 -0.11
CA LEU A 398 -12.78 14.37 -0.35
C LEU A 398 -13.63 14.18 0.90
N ALA A 399 -13.02 13.75 2.00
CA ALA A 399 -13.84 13.34 3.15
C ALA A 399 -14.35 14.56 3.91
N ASP A 400 -15.44 14.35 4.65
CA ASP A 400 -15.87 15.34 5.62
C ASP A 400 -14.79 15.56 6.69
N ILE A 401 -14.90 16.69 7.38
CA ILE A 401 -13.93 17.03 8.42
CA ILE A 401 -13.93 17.03 8.42
C ILE A 401 -13.85 15.92 9.48
N SER A 402 -15.01 15.39 9.89
CA SER A 402 -14.98 14.35 10.91
C SER A 402 -14.30 13.07 10.45
N GLU A 403 -14.06 12.91 9.15
CA GLU A 403 -13.55 11.66 8.59
C GLU A 403 -12.10 11.76 8.14
N GLN A 404 -11.45 12.90 8.35
CA GLN A 404 -10.02 13.04 8.06
C GLN A 404 -9.30 12.67 9.34
N VAL A 405 -8.83 11.42 9.45
CA VAL A 405 -8.47 10.91 10.77
C VAL A 405 -7.09 10.28 10.77
N PHE A 406 -6.40 10.44 11.90
CA PHE A 406 -5.21 9.68 12.24
C PHE A 406 -5.63 8.31 12.76
N LEU A 407 -4.64 7.44 12.97
CA LEU A 407 -4.97 6.08 13.37
C LEU A 407 -5.58 6.01 14.79
N ASP A 408 -5.36 7.02 15.63
CA ASP A 408 -5.97 7.06 16.94
C ASP A 408 -7.30 7.83 16.95
N ASP A 409 -7.87 8.07 15.76
CA ASP A 409 -9.19 8.66 15.51
C ASP A 409 -9.28 10.15 15.80
N VAL A 410 -8.16 10.80 16.12
CA VAL A 410 -8.12 12.24 16.18
C VAL A 410 -8.25 12.81 14.77
N THR A 411 -9.07 13.85 14.60
CA THR A 411 -9.21 14.37 13.25
C THR A 411 -8.13 15.41 12.95
N LEU A 412 -7.98 15.72 11.66
CA LEU A 412 -7.04 16.74 11.24
C LEU A 412 -7.35 18.08 11.88
N LYS A 413 -8.64 18.45 11.92
CA LYS A 413 -9.03 19.71 12.56
C LYS A 413 -8.73 19.70 14.05
N GLU A 414 -8.99 18.57 14.73
CA GLU A 414 -8.72 18.48 16.17
C GLU A 414 -7.23 18.63 16.46
N LEU A 415 -6.38 17.96 15.66
CA LEU A 415 -4.95 18.13 15.86
C LEU A 415 -4.54 19.58 15.65
N SER A 416 -5.10 20.23 14.62
CA SER A 416 -4.75 21.63 14.36
C SER A 416 -5.11 22.51 15.56
N LYS A 417 -6.27 22.25 16.18
CA LYS A 417 -6.63 23.01 17.37
C LYS A 417 -5.69 22.72 18.54
N SER A 418 -5.28 21.46 18.71
CA SER A 418 -4.33 21.11 19.76
C SER A 418 -2.98 21.77 19.56
N LEU A 419 -2.48 21.81 18.31
CA LEU A 419 -1.18 22.42 18.05
C LEU A 419 -1.25 23.94 17.91
N LYS A 420 -2.46 24.51 17.85
CA LYS A 420 -2.64 25.94 17.62
C LYS A 420 -1.94 26.39 16.35
N ARG A 421 -1.99 25.55 15.32
CA ARG A 421 -1.37 25.81 14.03
C ARG A 421 -2.25 25.24 12.94
N GLU A 422 -2.34 25.95 11.81
CA GLU A 422 -2.91 25.35 10.61
C GLU A 422 -2.02 24.19 10.20
N ILE A 423 -2.62 23.08 9.78
CA ILE A 423 -1.86 21.92 9.32
C ILE A 423 -2.12 21.72 7.84
N LEU A 424 -1.04 21.55 7.07
CA LEU A 424 -1.10 21.31 5.64
C LEU A 424 -0.73 19.85 5.37
N VAL A 425 -1.40 19.22 4.42
CA VAL A 425 -1.15 17.82 4.10
C VAL A 425 -0.46 17.77 2.73
N CYS A 426 0.73 17.17 2.70
N CYS A 426 0.73 17.18 2.70
CA CYS A 426 1.52 17.08 1.48
CA CYS A 426 1.52 17.06 1.50
C CYS A 426 1.61 15.64 0.99
C CYS A 426 1.50 15.63 0.97
N ASP A 427 1.82 15.50 -0.32
CA ASP A 427 2.01 14.20 -0.95
C ASP A 427 3.24 13.52 -0.35
N TYR A 428 3.09 12.26 0.09
CA TYR A 428 4.23 11.58 0.70
C TYR A 428 5.38 11.36 -0.29
N THR A 429 5.13 11.42 -1.60
CA THR A 429 6.25 11.32 -2.53
C THR A 429 7.06 12.62 -2.65
N GLY A 430 6.64 13.71 -2.00
CA GLY A 430 7.34 14.98 -2.14
C GLY A 430 6.92 15.83 -3.34
N GLU A 431 5.93 15.37 -4.10
CA GLU A 431 5.59 16.01 -5.37
C GLU A 431 5.15 17.45 -5.19
N ASP A 432 4.44 17.76 -4.10
CA ASP A 432 3.87 19.10 -3.99
C ASP A 432 4.43 19.89 -2.80
N LEU A 433 5.54 19.44 -2.21
CA LEU A 433 6.03 20.13 -1.01
C LEU A 433 6.46 21.56 -1.36
N ILE A 434 7.21 21.73 -2.44
CA ILE A 434 7.65 23.08 -2.80
C ILE A 434 6.46 23.96 -3.12
N ASP A 435 5.49 23.39 -3.85
CA ASP A 435 4.30 24.16 -4.21
C ASP A 435 3.55 24.62 -2.97
N ILE A 436 3.39 23.75 -1.97
CA ILE A 436 2.69 24.11 -0.74
C ILE A 436 3.45 25.19 0.02
N ILE A 437 4.78 25.10 0.04
CA ILE A 437 5.58 26.15 0.68
C ILE A 437 5.42 27.46 -0.06
N ASN A 438 5.52 27.44 -1.40
CA ASN A 438 5.33 28.66 -2.19
C ASN A 438 3.99 29.32 -1.88
N LYS A 439 2.94 28.52 -1.79
CA LYS A 439 1.61 29.07 -1.60
C LYS A 439 1.35 29.54 -0.18
N HIS A 440 2.20 29.18 0.78
CA HIS A 440 1.98 29.57 2.17
C HIS A 440 3.12 30.43 2.69
N SER A 441 3.83 31.10 1.79
CA SER A 441 4.91 32.03 2.15
C SER A 441 4.59 33.41 1.62
N ARG A 442 5.05 34.42 2.35
CA ARG A 442 4.67 35.82 2.17
C ARG A 442 5.79 36.58 1.47
N GLU A 443 5.41 37.48 0.57
CA GLU A 443 6.32 38.46 0.03
C GLU A 443 6.34 39.69 0.93
#